data_4PFB
#
_entry.id   4PFB
#
_cell.length_a   113.574
_cell.length_b   113.574
_cell.length_c   79.937
_cell.angle_alpha   90.000
_cell.angle_beta   90.000
_cell.angle_gamma   90.000
#
_symmetry.space_group_name_H-M   'P 43 2 2'
#
loop_
_entity.id
_entity.type
_entity.pdbx_description
1 polymer 'C4-dicarboxylate-binding protein'
2 non-polymer 'ZINC ION'
3 non-polymer IMIDAZOLE
4 non-polymer SN-GLYCEROL-3-PHOSPHATE
5 water water
#
_entity_poly.entity_id   1
_entity_poly.type   'polypeptide(L)'
_entity_poly.pdbx_seq_one_letter_code
;MLALVACGGKKEEATKESGDAKQEARVIKVTTKFVDDEQTAKSLVKVVEAINQRSNGTLELQLFTSGTLPIGKDGMEQVA
NGSDWILVDGVNFLGDYVPDYNAVTGPMLYQSFEEYLRMVKTPLVQDLNAQALEKGIKVLSLDWLFGFRNIEAKKPIKTP
EDMKGLKLRVPTSQLYTFTIEAMGGNPVAMPYPDTYAALQQGVIDGLEGSILSFYGTKQYENVKEYSLTRHLLGVSAVCI
SKKCWDSLTDEQRTIIQEEFDKGALDNLTETEKLEDEYAQKLKDNGVTFHEVDAEAFNKAVAPVYDKFPKWTPGIYDKIM
ENLTQIREDIKNGKAENLYFQGHHHHHHHHHH
;
_entity_poly.pdbx_strand_id   A
#
# COMPACT_ATOMS: atom_id res chain seq x y z
N ALA A 25 -26.65 -16.83 6.65
CA ALA A 25 -25.47 -15.98 6.87
C ALA A 25 -24.76 -15.55 5.59
N ARG A 26 -24.56 -14.24 5.46
CA ARG A 26 -24.02 -13.64 4.26
C ARG A 26 -22.50 -13.79 4.17
N VAL A 27 -22.05 -14.62 3.22
CA VAL A 27 -20.65 -14.84 2.97
C VAL A 27 -20.02 -13.70 2.15
N ILE A 28 -19.00 -13.09 2.72
CA ILE A 28 -18.22 -12.08 2.01
C ILE A 28 -16.75 -12.48 2.00
N LYS A 29 -16.16 -12.57 0.81
CA LYS A 29 -14.76 -12.92 0.64
C LYS A 29 -13.85 -11.73 0.91
N VAL A 30 -12.94 -11.84 1.87
CA VAL A 30 -11.91 -10.79 2.05
C VAL A 30 -10.57 -11.28 1.50
N THR A 31 -10.09 -10.66 0.43
CA THR A 31 -8.89 -11.16 -0.26
C THR A 31 -7.74 -10.20 -0.15
N THR A 32 -6.54 -10.75 0.04
CA THR A 32 -5.37 -9.93 0.28
C THR A 32 -4.05 -10.59 -0.14
N LYS A 33 -3.07 -9.76 -0.46
CA LYS A 33 -1.78 -10.27 -0.89
C LYS A 33 -0.96 -10.78 0.28
N PHE A 34 -1.13 -10.13 1.44
CA PHE A 34 -0.28 -10.35 2.60
C PHE A 34 -0.20 -11.81 3.08
N VAL A 35 1.02 -12.30 3.33
CA VAL A 35 1.18 -13.67 3.81
C VAL A 35 0.81 -13.66 5.27
N ASP A 36 0.62 -14.84 5.84
CA ASP A 36 0.20 -14.98 7.24
C ASP A 36 1.13 -14.34 8.27
N ASP A 37 2.42 -14.24 7.95
CA ASP A 37 3.38 -13.66 8.90
C ASP A 37 3.34 -12.14 8.98
N GLU A 38 2.71 -11.49 8.01
CA GLU A 38 2.74 -10.02 7.99
C GLU A 38 1.70 -9.37 8.89
N GLN A 39 2.05 -8.22 9.46
CA GLN A 39 1.17 -7.57 10.42
C GLN A 39 -0.25 -7.32 9.92
N THR A 40 -0.39 -6.86 8.67
CA THR A 40 -1.70 -6.58 8.08
C THR A 40 -2.61 -7.80 8.14
N ALA A 41 -2.05 -8.97 7.83
CA ALA A 41 -2.80 -10.21 7.82
C ALA A 41 -3.16 -10.60 9.24
N LYS A 42 -2.26 -10.38 10.18
CA LYS A 42 -2.58 -10.60 11.60
C LYS A 42 -3.73 -9.70 12.06
N SER A 43 -3.74 -8.45 11.62
CA SER A 43 -4.79 -7.54 12.03
C SER A 43 -6.09 -7.89 11.36
N LEU A 44 -6.03 -8.33 10.11
CA LEU A 44 -7.25 -8.70 9.41
C LEU A 44 -7.95 -9.89 10.08
N VAL A 45 -7.17 -10.83 10.62
CA VAL A 45 -7.77 -11.97 11.29
C VAL A 45 -8.63 -11.50 12.46
N LYS A 46 -8.12 -10.55 13.25
CA LYS A 46 -8.90 -10.01 14.36
C LYS A 46 -10.16 -9.30 13.86
N VAL A 47 -10.02 -8.48 12.82
CA VAL A 47 -11.16 -7.78 12.23
C VAL A 47 -12.29 -8.71 11.78
N VAL A 48 -11.96 -9.77 11.04
CA VAL A 48 -12.97 -10.74 10.60
C VAL A 48 -13.64 -11.45 11.78
N GLU A 49 -12.82 -11.93 12.72
CA GLU A 49 -13.28 -12.50 13.98
C GLU A 49 -14.39 -11.62 14.57
N ALA A 50 -14.08 -10.34 14.78
CA ALA A 50 -14.96 -9.41 15.47
C ALA A 50 -16.23 -9.12 14.68
N ILE A 51 -16.07 -8.84 13.39
CA ILE A 51 -17.22 -8.60 12.52
C ILE A 51 -18.18 -9.81 12.51
N ASN A 52 -17.64 -11.01 12.27
CA ASN A 52 -18.47 -12.23 12.28
C ASN A 52 -19.24 -12.45 13.58
N GLN A 53 -18.59 -12.23 14.72
CA GLN A 53 -19.23 -12.39 16.01
C GLN A 53 -20.25 -11.30 16.35
N ARG A 54 -19.95 -10.04 16.04
CA ARG A 54 -20.90 -8.97 16.31
C ARG A 54 -22.17 -9.07 15.45
N SER A 55 -22.07 -9.73 14.30
CA SER A 55 -23.19 -9.84 13.40
C SER A 55 -24.22 -10.83 13.91
N ASN A 56 -23.94 -11.45 15.04
CA ASN A 56 -24.75 -12.54 15.57
C ASN A 56 -25.13 -13.56 14.52
N GLY A 57 -24.14 -14.00 13.75
CA GLY A 57 -24.36 -15.03 12.75
C GLY A 57 -24.94 -14.58 11.43
N THR A 58 -25.05 -13.29 11.19
CA THR A 58 -25.63 -12.81 9.93
C THR A 58 -24.57 -12.52 8.86
N LEU A 59 -23.33 -12.31 9.29
CA LEU A 59 -22.23 -12.14 8.34
C LEU A 59 -21.21 -13.23 8.54
N GLU A 60 -20.72 -13.79 7.45
CA GLU A 60 -19.55 -14.66 7.49
C GLU A 60 -18.49 -14.13 6.52
N LEU A 61 -17.66 -13.22 7.00
CA LEU A 61 -16.49 -12.81 6.24
C LEU A 61 -15.48 -13.95 6.25
N GLN A 62 -14.85 -14.22 5.10
CA GLN A 62 -13.83 -15.27 5.01
C GLN A 62 -12.55 -14.66 4.50
N LEU A 63 -11.46 -14.83 5.25
CA LEU A 63 -10.20 -14.23 4.88
C LEU A 63 -9.34 -15.13 4.01
N PHE A 64 -9.01 -14.66 2.82
CA PHE A 64 -8.05 -15.36 1.97
C PHE A 64 -6.78 -14.55 1.85
N THR A 65 -5.69 -15.09 2.37
CA THR A 65 -4.41 -14.43 2.30
C THR A 65 -3.54 -14.97 1.20
N SER A 66 -2.33 -14.40 1.10
CA SER A 66 -1.27 -14.84 0.20
C SER A 66 -1.64 -14.86 -1.27
N GLY A 67 -2.62 -14.05 -1.65
CA GLY A 67 -3.08 -14.04 -3.03
C GLY A 67 -3.73 -15.36 -3.43
N THR A 68 -4.32 -16.08 -2.48
CA THR A 68 -5.03 -17.32 -2.82
C THR A 68 -6.30 -17.04 -3.62
N LEU A 69 -6.81 -15.83 -3.50
CA LEU A 69 -7.90 -15.34 -4.33
C LEU A 69 -7.38 -14.11 -5.06
N PRO A 70 -8.05 -13.70 -6.15
CA PRO A 70 -7.58 -12.55 -6.94
C PRO A 70 -7.31 -11.29 -6.11
N ILE A 71 -6.20 -10.64 -6.44
CA ILE A 71 -5.77 -9.44 -5.76
C ILE A 71 -5.43 -8.38 -6.82
N GLY A 72 -5.00 -7.21 -6.38
CA GLY A 72 -4.66 -6.15 -7.31
C GLY A 72 -5.75 -5.85 -8.32
N LYS A 73 -5.37 -5.75 -9.60
CA LYS A 73 -6.29 -5.38 -10.67
C LYS A 73 -7.45 -6.35 -10.82
N ASP A 74 -7.17 -7.64 -10.69
CA ASP A 74 -8.21 -8.65 -10.82
C ASP A 74 -9.14 -8.62 -9.61
N GLY A 75 -8.59 -8.28 -8.46
CA GLY A 75 -9.37 -8.14 -7.25
C GLY A 75 -10.33 -6.98 -7.31
N MET A 76 -9.84 -5.83 -7.78
CA MET A 76 -10.64 -4.62 -7.79
C MET A 76 -11.74 -4.70 -8.85
N GLU A 77 -11.46 -5.42 -9.93
CA GLU A 77 -12.45 -5.60 -11.00
C GLU A 77 -13.65 -6.35 -10.42
N GLN A 78 -13.41 -7.19 -9.42
CA GLN A 78 -14.50 -7.91 -8.75
C GLN A 78 -15.31 -6.98 -7.85
N VAL A 79 -14.60 -6.17 -7.08
CA VAL A 79 -15.22 -5.14 -6.27
C VAL A 79 -16.05 -4.18 -7.12
N ALA A 80 -15.45 -3.65 -8.17
CA ALA A 80 -16.14 -2.70 -9.04
C ALA A 80 -17.34 -3.32 -9.71
N ASN A 81 -17.28 -4.62 -9.97
CA ASN A 81 -18.36 -5.28 -10.68
C ASN A 81 -19.46 -5.90 -9.78
N GLY A 82 -19.52 -5.48 -8.52
CA GLY A 82 -20.62 -5.84 -7.66
C GLY A 82 -20.55 -7.12 -6.84
N SER A 83 -19.35 -7.71 -6.73
CA SER A 83 -19.16 -8.96 -5.99
C SER A 83 -19.31 -8.84 -4.46
N ASP A 84 -19.70 -9.94 -3.80
CA ASP A 84 -19.70 -10.00 -2.33
C ASP A 84 -18.25 -10.17 -1.84
N TRP A 85 -17.49 -9.07 -1.86
CA TRP A 85 -16.03 -9.12 -1.88
C TRP A 85 -15.44 -7.85 -1.23
N ILE A 86 -14.53 -8.02 -0.28
CA ILE A 86 -13.73 -6.92 0.21
C ILE A 86 -12.29 -7.15 -0.25
N LEU A 87 -11.69 -6.13 -0.83
CA LEU A 87 -10.29 -6.18 -1.23
C LEU A 87 -9.41 -5.31 -0.32
N VAL A 88 -8.28 -5.87 0.11
CA VAL A 88 -7.29 -5.12 0.88
C VAL A 88 -5.98 -5.12 0.08
N ASP A 89 -5.79 -4.08 -0.74
CA ASP A 89 -4.59 -3.90 -1.56
C ASP A 89 -4.26 -2.42 -1.75
N GLY A 90 -3.15 -2.12 -2.42
CA GLY A 90 -2.66 -0.76 -2.53
C GLY A 90 -3.65 0.26 -3.01
N VAL A 91 -3.46 1.50 -2.55
CA VAL A 91 -4.31 2.62 -2.96
C VAL A 91 -4.18 2.84 -4.47
N ASN A 92 -3.04 2.43 -5.01
CA ASN A 92 -2.79 2.58 -6.44
C ASN A 92 -3.79 1.81 -7.34
N PHE A 93 -4.46 0.80 -6.78
CA PHE A 93 -5.46 0.06 -7.56
C PHE A 93 -6.77 0.79 -7.64
N LEU A 94 -7.03 1.69 -6.69
CA LEU A 94 -8.15 2.61 -6.83
C LEU A 94 -7.93 3.59 -7.99
N GLY A 95 -6.67 3.95 -8.21
CA GLY A 95 -6.29 4.92 -9.22
C GLY A 95 -6.55 4.51 -10.66
N ASP A 96 -6.75 3.21 -10.89
CA ASP A 96 -7.08 2.73 -12.23
C ASP A 96 -8.53 3.12 -12.58
N TYR A 97 -9.31 3.46 -11.56
CA TYR A 97 -10.70 3.91 -11.70
C TYR A 97 -10.79 5.42 -11.48
N VAL A 98 -10.18 5.89 -10.41
CA VAL A 98 -10.18 7.30 -10.06
C VAL A 98 -8.74 7.80 -10.02
N PRO A 99 -8.26 8.31 -11.17
CA PRO A 99 -6.85 8.66 -11.44
C PRO A 99 -6.16 9.46 -10.33
N ASP A 100 -6.87 10.37 -9.68
CA ASP A 100 -6.26 11.26 -8.68
C ASP A 100 -5.58 10.54 -7.51
N TYR A 101 -5.98 9.29 -7.26
CA TYR A 101 -5.42 8.51 -6.14
C TYR A 101 -3.90 8.35 -6.24
N ASN A 102 -3.39 8.24 -7.46
CA ASN A 102 -1.96 8.03 -7.66
C ASN A 102 -1.15 9.27 -7.33
N ALA A 103 -1.78 10.43 -7.46
CA ALA A 103 -1.15 11.69 -7.10
C ALA A 103 -1.04 11.81 -5.57
N VAL A 104 -2.07 11.35 -4.87
CA VAL A 104 -2.11 11.44 -3.41
C VAL A 104 -1.13 10.46 -2.78
N THR A 105 -0.65 9.52 -3.57
CA THR A 105 0.30 8.54 -3.08
C THR A 105 1.59 8.64 -3.88
N GLY A 106 1.96 9.86 -4.24
CA GLY A 106 3.13 10.11 -5.06
C GLY A 106 4.48 9.84 -4.41
N PRO A 107 5.52 9.71 -5.24
CA PRO A 107 6.89 9.47 -4.80
C PRO A 107 7.47 10.64 -4.00
N MET A 108 8.22 10.30 -2.95
CA MET A 108 8.77 11.25 -2.00
C MET A 108 7.79 12.29 -1.48
N LEU A 109 6.50 12.02 -1.56
CA LEU A 109 5.48 12.98 -1.13
C LEU A 109 5.43 13.22 0.38
N TYR A 110 5.42 12.16 1.18
CA TYR A 110 5.27 12.30 2.63
C TYR A 110 6.55 11.99 3.39
N GLN A 111 6.74 12.65 4.52
CA GLN A 111 7.92 12.42 5.36
C GLN A 111 7.55 11.62 6.59
N SER A 112 6.25 11.48 6.86
CA SER A 112 5.77 10.76 8.04
C SER A 112 4.40 10.14 7.83
N PHE A 113 4.09 9.12 8.63
CA PHE A 113 2.75 8.52 8.69
C PHE A 113 1.69 9.57 8.97
N GLU A 114 1.93 10.44 9.95
CA GLU A 114 0.90 11.41 10.36
C GLU A 114 0.56 12.36 9.21
N GLU A 115 1.52 12.61 8.34
CA GLU A 115 1.24 13.50 7.21
C GLU A 115 0.23 12.86 6.29
N TYR A 116 0.40 11.57 6.05
CA TYR A 116 -0.52 10.85 5.17
C TYR A 116 -1.88 10.69 5.83
N LEU A 117 -1.87 10.32 7.10
CA LEU A 117 -3.10 10.03 7.80
C LEU A 117 -4.04 11.23 7.83
N ARG A 118 -3.45 12.43 7.87
CA ARG A 118 -4.21 13.67 7.81
C ARG A 118 -4.63 14.05 6.41
N MET A 119 -3.78 13.81 5.43
CA MET A 119 -4.15 14.06 4.05
C MET A 119 -5.40 13.25 3.71
N VAL A 120 -5.48 12.05 4.25
CA VAL A 120 -6.55 11.15 3.91
C VAL A 120 -7.88 11.68 4.40
N LYS A 121 -7.84 12.45 5.47
CA LYS A 121 -9.06 12.97 6.08
C LYS A 121 -9.55 14.31 5.49
N THR A 122 -8.80 14.91 4.56
CA THR A 122 -9.17 16.18 3.94
C THR A 122 -10.33 15.99 2.95
N PRO A 123 -11.16 17.03 2.74
CA PRO A 123 -12.24 16.93 1.75
C PRO A 123 -11.75 16.58 0.34
N LEU A 124 -10.50 16.92 0.02
CA LEU A 124 -9.92 16.59 -1.27
C LEU A 124 -9.93 15.08 -1.50
N VAL A 125 -9.57 14.33 -0.47
CA VAL A 125 -9.53 12.88 -0.55
C VAL A 125 -10.89 12.23 -0.27
N GLN A 126 -11.73 12.89 0.55
CA GLN A 126 -13.08 12.38 0.80
C GLN A 126 -13.89 12.46 -0.49
N ASP A 127 -13.57 13.46 -1.30
CA ASP A 127 -14.18 13.60 -2.61
C ASP A 127 -13.74 12.48 -3.53
N LEU A 128 -12.47 12.11 -3.45
CA LEU A 128 -11.97 10.96 -4.19
C LEU A 128 -12.76 9.69 -3.85
N ASN A 129 -13.00 9.44 -2.56
CA ASN A 129 -13.82 8.29 -2.13
C ASN A 129 -15.22 8.26 -2.73
N ALA A 130 -15.79 9.45 -2.98
CA ALA A 130 -17.11 9.58 -3.56
C ALA A 130 -17.10 9.40 -5.08
N GLN A 131 -16.02 9.83 -5.72
CA GLN A 131 -15.82 9.52 -7.14
C GLN A 131 -15.71 8.01 -7.32
N ALA A 132 -15.11 7.33 -6.32
CA ALA A 132 -14.93 5.90 -6.39
C ALA A 132 -16.27 5.19 -6.22
N LEU A 133 -17.14 5.80 -5.43
CA LEU A 133 -18.47 5.26 -5.17
C LEU A 133 -19.33 5.33 -6.44
N GLU A 134 -19.06 6.33 -7.28
CA GLU A 134 -19.68 6.42 -8.61
C GLU A 134 -19.30 5.20 -9.46
N LYS A 135 -18.15 4.60 -9.14
CA LYS A 135 -17.59 3.56 -9.97
C LYS A 135 -17.90 2.15 -9.45
N GLY A 136 -18.58 2.06 -8.31
CA GLY A 136 -19.00 0.78 -7.77
C GLY A 136 -18.13 0.30 -6.63
N ILE A 137 -17.24 1.16 -6.17
CA ILE A 137 -16.31 0.83 -5.10
C ILE A 137 -16.59 1.65 -3.83
N LYS A 138 -16.94 0.95 -2.74
CA LYS A 138 -17.10 1.62 -1.45
C LYS A 138 -15.81 1.55 -0.64
N VAL A 139 -15.12 2.69 -0.51
CA VAL A 139 -13.88 2.74 0.27
C VAL A 139 -14.18 2.82 1.76
N LEU A 140 -13.73 1.81 2.50
CA LEU A 140 -13.99 1.74 3.93
C LEU A 140 -12.87 2.38 4.73
N SER A 141 -11.69 2.44 4.14
CA SER A 141 -10.53 2.95 4.85
C SER A 141 -9.37 3.10 3.89
N LEU A 142 -8.56 4.13 4.12
CA LEU A 142 -7.28 4.27 3.42
C LEU A 142 -6.13 4.27 4.43
N ASP A 143 -6.38 3.78 5.64
CA ASP A 143 -5.45 3.96 6.74
C ASP A 143 -4.58 2.73 7.08
N TRP A 144 -4.60 1.72 6.24
CA TRP A 144 -3.85 0.50 6.55
C TRP A 144 -2.38 0.58 6.12
N LEU A 145 -1.64 1.47 6.79
CA LEU A 145 -0.22 1.70 6.51
C LEU A 145 0.58 0.47 6.83
N PHE A 146 1.69 0.29 6.11
CA PHE A 146 2.67 -0.71 6.52
C PHE A 146 4.12 -0.26 6.38
N GLY A 147 4.30 1.00 5.99
CA GLY A 147 5.62 1.60 6.07
C GLY A 147 6.15 2.20 4.79
N PHE A 148 7.23 2.96 4.93
CA PHE A 148 7.93 3.50 3.79
C PHE A 148 8.73 2.41 3.13
N ARG A 149 8.68 2.42 1.80
CA ARG A 149 9.32 1.40 1.00
C ARG A 149 10.73 1.83 0.52
N ASN A 150 11.64 0.87 0.54
CA ASN A 150 13.04 1.10 0.27
C ASN A 150 13.56 0.03 -0.69
N ILE A 151 14.76 0.21 -1.21
CA ILE A 151 15.32 -0.77 -2.14
C ILE A 151 15.83 -2.00 -1.39
N GLU A 152 15.39 -3.16 -1.85
CA GLU A 152 15.92 -4.43 -1.36
C GLU A 152 16.70 -5.05 -2.50
N ALA A 153 18.00 -4.83 -2.52
CA ALA A 153 18.81 -5.27 -3.65
C ALA A 153 20.07 -6.00 -3.16
N LYS A 154 20.99 -6.26 -4.08
CA LYS A 154 22.22 -6.96 -3.72
C LYS A 154 23.44 -6.04 -3.64
N LYS A 155 23.24 -4.78 -3.98
CA LYS A 155 24.28 -3.76 -3.82
C LYS A 155 23.65 -2.56 -3.11
N PRO A 156 24.46 -1.81 -2.35
CA PRO A 156 23.99 -0.54 -1.80
C PRO A 156 23.57 0.42 -2.91
N ILE A 157 22.63 1.31 -2.63
CA ILE A 157 22.39 2.45 -3.51
C ILE A 157 22.58 3.74 -2.74
N LYS A 158 23.40 4.64 -3.26
CA LYS A 158 23.48 5.99 -2.70
C LYS A 158 22.79 6.98 -3.64
N THR A 159 22.97 6.74 -4.95
CA THR A 159 22.58 7.67 -5.98
C THR A 159 21.81 6.95 -7.09
N PRO A 160 21.06 7.69 -7.91
CA PRO A 160 20.38 7.05 -9.05
C PRO A 160 21.35 6.38 -10.05
N GLU A 161 22.59 6.82 -10.08
CA GLU A 161 23.62 6.19 -10.90
C GLU A 161 23.77 4.71 -10.52
N ASP A 162 23.77 4.42 -9.22
CA ASP A 162 23.90 3.06 -8.71
C ASP A 162 22.75 2.14 -9.15
N MET A 163 21.56 2.72 -9.24
CA MET A 163 20.39 1.97 -9.66
C MET A 163 20.47 1.45 -11.11
N LYS A 164 21.35 2.06 -11.91
CA LYS A 164 21.43 1.74 -13.33
C LYS A 164 21.74 0.27 -13.55
N GLY A 165 20.90 -0.39 -14.35
CA GLY A 165 21.11 -1.78 -14.72
C GLY A 165 20.21 -2.78 -14.03
N LEU A 166 19.82 -2.47 -12.80
CA LEU A 166 19.05 -3.39 -11.94
C LEU A 166 17.65 -3.70 -12.44
N LYS A 167 17.32 -4.99 -12.53
CA LYS A 167 15.96 -5.39 -12.78
C LYS A 167 15.26 -5.46 -11.42
N LEU A 168 14.46 -4.47 -11.10
CA LEU A 168 13.80 -4.42 -9.80
C LEU A 168 12.31 -4.71 -9.94
N ARG A 169 11.81 -5.60 -9.12
CA ARG A 169 10.40 -5.95 -9.21
C ARG A 169 9.58 -4.80 -8.65
N VAL A 170 8.51 -4.46 -9.34
CA VAL A 170 7.54 -3.50 -8.80
C VAL A 170 6.16 -4.13 -8.79
N PRO A 171 5.26 -3.60 -7.95
CA PRO A 171 3.85 -3.99 -8.03
C PRO A 171 3.30 -3.63 -9.40
N THR A 172 2.23 -4.28 -9.82
CA THR A 172 1.67 -4.01 -11.14
C THR A 172 0.95 -2.66 -11.18
N SER A 173 1.73 -1.59 -11.29
CA SER A 173 1.19 -0.24 -11.18
C SER A 173 2.08 0.79 -11.91
N GLN A 174 1.47 1.64 -12.73
CA GLN A 174 2.17 2.73 -13.43
C GLN A 174 3.00 3.62 -12.48
N LEU A 175 2.43 3.90 -11.32
CA LEU A 175 3.06 4.80 -10.36
C LEU A 175 4.40 4.25 -9.89
N TYR A 176 4.43 2.94 -9.64
CA TYR A 176 5.63 2.27 -9.17
C TYR A 176 6.62 2.06 -10.31
N THR A 177 6.09 1.76 -11.50
CA THR A 177 6.94 1.56 -12.67
C THR A 177 7.66 2.85 -13.02
N PHE A 178 6.90 3.93 -13.12
CA PHE A 178 7.43 5.24 -13.44
C PHE A 178 8.45 5.73 -12.41
N THR A 179 8.18 5.45 -11.14
CA THR A 179 9.03 5.92 -10.05
C THR A 179 10.39 5.25 -10.13
N ILE A 180 10.40 3.93 -10.29
CA ILE A 180 11.64 3.18 -10.37
C ILE A 180 12.45 3.47 -11.63
N GLU A 181 11.76 3.66 -12.76
CA GLU A 181 12.40 4.10 -13.99
C GLU A 181 13.05 5.46 -13.79
N ALA A 182 12.34 6.33 -13.07
CA ALA A 182 12.82 7.68 -12.77
C ALA A 182 13.96 7.68 -11.77
N MET A 183 14.11 6.59 -11.05
CA MET A 183 15.18 6.48 -10.08
C MET A 183 16.41 5.81 -10.67
N GLY A 184 16.31 5.40 -11.94
CA GLY A 184 17.44 4.82 -12.64
C GLY A 184 17.37 3.32 -12.93
N GLY A 185 16.47 2.61 -12.25
CA GLY A 185 16.35 1.17 -12.40
C GLY A 185 15.43 0.70 -13.52
N ASN A 186 15.40 -0.62 -13.76
CA ASN A 186 14.51 -1.23 -14.75
C ASN A 186 13.38 -2.00 -14.09
N PRO A 187 12.19 -1.40 -14.01
CA PRO A 187 11.07 -2.04 -13.31
C PRO A 187 10.53 -3.30 -14.01
N VAL A 188 10.23 -4.32 -13.22
CA VAL A 188 9.58 -5.53 -13.71
C VAL A 188 8.34 -5.77 -12.88
N ALA A 189 7.17 -5.54 -13.47
CA ALA A 189 5.92 -5.63 -12.74
C ALA A 189 5.51 -7.07 -12.51
N MET A 190 5.25 -7.42 -11.25
CA MET A 190 4.63 -8.70 -10.93
C MET A 190 3.98 -8.69 -9.54
N PRO A 191 2.92 -9.50 -9.35
CA PRO A 191 2.38 -9.67 -7.99
C PRO A 191 3.43 -10.27 -7.05
N TYR A 192 3.36 -9.91 -5.78
CA TYR A 192 4.36 -10.31 -4.83
C TYR A 192 4.65 -11.81 -4.73
N PRO A 193 3.61 -12.66 -4.73
CA PRO A 193 3.88 -14.10 -4.63
C PRO A 193 4.81 -14.66 -5.69
N ASP A 194 5.01 -13.92 -6.78
CA ASP A 194 5.90 -14.33 -7.86
C ASP A 194 7.36 -13.91 -7.65
N THR A 195 7.62 -13.13 -6.62
CA THR A 195 8.93 -12.53 -6.44
C THR A 195 9.99 -13.55 -6.10
N TYR A 196 9.69 -14.44 -5.15
CA TYR A 196 10.68 -15.38 -4.63
C TYR A 196 11.31 -16.17 -5.74
N ALA A 197 10.47 -16.70 -6.63
CA ALA A 197 10.93 -17.51 -7.73
C ALA A 197 11.72 -16.67 -8.72
N ALA A 198 11.28 -15.43 -8.94
CA ALA A 198 11.93 -14.54 -9.88
C ALA A 198 13.35 -14.25 -9.41
N LEU A 199 13.51 -14.06 -8.10
CA LEU A 199 14.82 -13.88 -7.50
C LEU A 199 15.69 -15.14 -7.63
N GLN A 200 15.10 -16.29 -7.35
CA GLN A 200 15.84 -17.55 -7.46
C GLN A 200 16.38 -17.78 -8.87
N GLN A 201 15.57 -17.50 -9.88
CA GLN A 201 15.93 -17.76 -11.26
C GLN A 201 16.77 -16.65 -11.90
N GLY A 202 16.82 -15.48 -11.25
CA GLY A 202 17.62 -14.37 -11.74
C GLY A 202 16.88 -13.45 -12.68
N VAL A 203 15.56 -13.60 -12.72
CA VAL A 203 14.71 -12.76 -13.56
C VAL A 203 14.77 -11.31 -13.09
N ILE A 204 14.82 -11.15 -11.77
CA ILE A 204 14.97 -9.83 -11.17
C ILE A 204 16.21 -9.83 -10.28
N ASP A 205 16.73 -8.65 -9.99
CA ASP A 205 17.95 -8.53 -9.18
C ASP A 205 17.63 -8.05 -7.76
N GLY A 206 16.36 -7.73 -7.52
CA GLY A 206 15.93 -7.20 -6.25
C GLY A 206 14.50 -6.72 -6.35
N LEU A 207 14.05 -5.96 -5.35
CA LEU A 207 12.70 -5.41 -5.34
C LEU A 207 12.67 -4.24 -4.37
N GLU A 208 11.48 -3.81 -3.98
CA GLU A 208 11.37 -2.70 -3.05
C GLU A 208 10.20 -2.91 -2.11
N GLY A 209 10.31 -2.38 -0.90
CA GLY A 209 9.29 -2.59 0.11
C GLY A 209 9.71 -2.12 1.49
N SER A 210 8.79 -2.14 2.44
CA SER A 210 9.06 -1.67 3.77
C SER A 210 9.71 -2.72 4.67
N ILE A 211 10.14 -2.30 5.85
CA ILE A 211 10.76 -3.18 6.83
C ILE A 211 9.84 -4.36 7.21
N LEU A 212 8.57 -4.06 7.46
CA LEU A 212 7.60 -5.08 7.82
C LEU A 212 7.40 -6.12 6.72
N SER A 213 7.41 -5.68 5.46
CA SER A 213 7.30 -6.58 4.31
C SER A 213 8.55 -7.43 4.13
N PHE A 214 9.70 -6.75 4.18
CA PHE A 214 11.01 -7.33 4.04
C PHE A 214 11.21 -8.46 5.04
N TYR A 215 10.94 -8.17 6.32
CA TYR A 215 11.06 -9.16 7.35
C TYR A 215 9.91 -10.17 7.32
N GLY A 216 8.69 -9.66 7.16
CA GLY A 216 7.49 -10.50 7.16
C GLY A 216 7.49 -11.57 6.09
N THR A 217 8.00 -11.22 4.92
CA THR A 217 7.99 -12.18 3.81
C THR A 217 9.33 -12.89 3.68
N LYS A 218 10.22 -12.59 4.61
CA LYS A 218 11.56 -13.19 4.65
C LYS A 218 12.36 -13.04 3.35
N GLN A 219 12.34 -11.85 2.74
CA GLN A 219 13.14 -11.65 1.52
C GLN A 219 14.62 -11.47 1.83
N TYR A 220 14.95 -11.22 3.08
CA TYR A 220 16.34 -11.12 3.49
C TYR A 220 17.11 -12.44 3.29
N GLU A 221 16.37 -13.53 3.06
CA GLU A 221 16.97 -14.79 2.68
C GLU A 221 17.52 -14.77 1.23
N ASN A 222 17.15 -13.74 0.48
CA ASN A 222 17.57 -13.63 -0.92
C ASN A 222 18.42 -12.37 -1.20
N VAL A 223 18.16 -11.29 -0.47
CA VAL A 223 18.84 -10.03 -0.71
C VAL A 223 19.24 -9.37 0.61
N LYS A 224 20.47 -8.86 0.68
CA LYS A 224 21.04 -8.42 1.95
C LYS A 224 21.31 -6.92 2.07
N GLU A 225 21.24 -6.18 0.97
CA GLU A 225 21.52 -4.74 1.05
C GLU A 225 20.22 -3.91 0.95
N TYR A 226 19.97 -3.12 1.97
CA TYR A 226 18.71 -2.38 2.11
C TYR A 226 18.96 -0.87 2.07
N SER A 227 18.65 -0.23 0.97
CA SER A 227 18.94 1.19 0.81
C SER A 227 17.72 2.08 1.05
N LEU A 228 17.86 3.05 1.94
CA LEU A 228 16.72 3.80 2.44
C LEU A 228 16.28 4.99 1.58
N THR A 229 15.66 4.70 0.44
CA THR A 229 15.20 5.74 -0.47
C THR A 229 13.90 6.35 0.03
N ARG A 230 13.13 5.55 0.73
CA ARG A 230 11.82 5.95 1.25
C ARG A 230 10.93 6.57 0.18
N HIS A 231 10.99 6.00 -1.02
CA HIS A 231 10.34 6.55 -2.20
C HIS A 231 8.82 6.63 -2.14
N LEU A 232 8.17 5.53 -1.76
CA LEU A 232 6.73 5.49 -1.64
C LEU A 232 6.29 5.02 -0.28
N LEU A 233 5.02 5.27 0.03
CA LEU A 233 4.44 4.77 1.27
C LEU A 233 3.63 3.53 0.94
N GLY A 234 3.91 2.44 1.64
CA GLY A 234 3.13 1.24 1.47
C GLY A 234 1.84 1.42 2.23
N VAL A 235 0.72 1.37 1.53
CA VAL A 235 -0.54 1.63 2.21
C VAL A 235 -1.72 0.96 1.52
N SER A 236 -2.49 0.23 2.30
CA SER A 236 -3.64 -0.43 1.74
C SER A 236 -4.96 0.31 1.95
N ALA A 237 -5.78 0.30 0.91
CA ALA A 237 -7.16 0.70 1.01
C ALA A 237 -7.95 -0.56 1.32
N VAL A 238 -9.11 -0.40 1.96
CA VAL A 238 -10.00 -1.52 2.20
C VAL A 238 -11.32 -1.21 1.48
N CYS A 239 -11.67 -2.02 0.48
CA CYS A 239 -12.78 -1.68 -0.42
C CYS A 239 -13.79 -2.81 -0.55
N ILE A 240 -15.06 -2.45 -0.56
CA ILE A 240 -16.13 -3.42 -0.69
C ILE A 240 -17.01 -2.94 -1.83
N SER A 241 -17.71 -3.85 -2.51
CA SER A 241 -18.52 -3.42 -3.64
C SER A 241 -19.70 -2.57 -3.15
N LYS A 242 -20.03 -1.53 -3.90
CA LYS A 242 -21.17 -0.71 -3.57
C LYS A 242 -22.42 -1.60 -3.52
N LYS A 243 -22.51 -2.55 -4.45
CA LYS A 243 -23.69 -3.41 -4.54
C LYS A 243 -23.91 -4.28 -3.31
N CYS A 244 -22.83 -4.78 -2.72
CA CYS A 244 -22.95 -5.59 -1.52
C CYS A 244 -23.21 -4.69 -0.32
N TRP A 245 -22.43 -3.63 -0.22
CA TRP A 245 -22.55 -2.64 0.84
C TRP A 245 -23.99 -2.13 0.97
N ASP A 246 -24.56 -1.68 -0.14
CA ASP A 246 -25.93 -1.17 -0.14
C ASP A 246 -26.99 -2.24 0.20
N SER A 247 -26.67 -3.52 -0.03
CA SER A 247 -27.62 -4.60 0.17
C SER A 247 -27.67 -5.06 1.63
N LEU A 248 -26.71 -4.62 2.42
CA LEU A 248 -26.63 -5.01 3.82
C LEU A 248 -27.62 -4.20 4.64
N THR A 249 -27.75 -4.52 5.91
CA THR A 249 -28.54 -3.70 6.82
C THR A 249 -27.70 -2.58 7.39
N ASP A 250 -28.36 -1.69 8.12
CA ASP A 250 -27.71 -0.57 8.77
C ASP A 250 -26.73 -1.03 9.84
N GLU A 251 -27.15 -1.99 10.68
CA GLU A 251 -26.29 -2.51 11.74
C GLU A 251 -25.05 -3.20 11.18
N GLN A 252 -25.22 -3.92 10.07
CA GLN A 252 -24.10 -4.57 9.44
C GLN A 252 -23.11 -3.56 8.85
N ARG A 253 -23.61 -2.44 8.35
CA ARG A 253 -22.69 -1.45 7.81
C ARG A 253 -21.90 -0.79 8.95
N THR A 254 -22.59 -0.48 10.03
CA THR A 254 -21.95 0.04 11.24
C THR A 254 -20.86 -0.87 11.78
N ILE A 255 -21.15 -2.17 11.86
CA ILE A 255 -20.21 -3.13 12.43
C ILE A 255 -18.95 -3.26 11.57
N ILE A 256 -19.15 -3.42 10.26
CA ILE A 256 -18.04 -3.53 9.31
C ILE A 256 -17.17 -2.27 9.31
N GLN A 257 -17.78 -1.10 9.28
CA GLN A 257 -17.01 0.14 9.30
C GLN A 257 -16.22 0.28 10.60
N GLU A 258 -16.88 0.07 11.73
CA GLU A 258 -16.23 0.26 13.01
C GLU A 258 -15.03 -0.68 13.18
N GLU A 259 -15.18 -1.93 12.76
CA GLU A 259 -14.15 -2.94 12.96
C GLU A 259 -12.94 -2.79 12.05
N PHE A 260 -13.14 -2.33 10.82
CA PHE A 260 -12.00 -2.06 9.96
C PHE A 260 -11.25 -0.83 10.46
N ASP A 261 -11.96 0.11 11.08
CA ASP A 261 -11.32 1.30 11.66
C ASP A 261 -10.50 0.89 12.88
N LYS A 262 -11.07 0.04 13.73
CA LYS A 262 -10.33 -0.48 14.88
C LYS A 262 -9.11 -1.32 14.42
N GLY A 263 -9.28 -2.07 13.33
CA GLY A 263 -8.18 -2.76 12.70
C GLY A 263 -7.09 -1.86 12.12
N ALA A 264 -7.48 -0.79 11.45
CA ALA A 264 -6.52 0.18 10.92
C ALA A 264 -5.64 0.67 12.05
N LEU A 265 -6.31 0.96 13.14
CA LEU A 265 -5.65 1.45 14.35
C LEU A 265 -4.70 0.42 14.97
N ASP A 266 -5.15 -0.83 15.08
CA ASP A 266 -4.32 -1.95 15.52
C ASP A 266 -3.12 -2.09 14.60
N ASN A 267 -3.39 -2.16 13.29
CA ASN A 267 -2.32 -2.29 12.31
C ASN A 267 -1.30 -1.18 12.40
N LEU A 268 -1.78 0.06 12.54
CA LEU A 268 -0.90 1.21 12.63
C LEU A 268 0.04 1.15 13.83
N THR A 269 -0.49 0.90 15.02
CA THR A 269 0.36 0.94 16.21
C THR A 269 1.29 -0.26 16.29
N GLU A 270 0.86 -1.39 15.73
CA GLU A 270 1.72 -2.54 15.66
C GLU A 270 2.91 -2.24 14.71
N THR A 271 2.62 -1.65 13.56
CA THR A 271 3.65 -1.20 12.61
C THR A 271 4.67 -0.26 13.25
N GLU A 272 4.18 0.68 14.05
CA GLU A 272 5.04 1.67 14.72
C GLU A 272 5.92 0.96 15.77
N LYS A 273 5.33 0.00 16.47
CA LYS A 273 6.07 -0.82 17.45
C LYS A 273 7.13 -1.72 16.81
N LEU A 274 6.78 -2.36 15.69
CA LEU A 274 7.61 -3.42 15.15
C LEU A 274 8.76 -2.97 14.28
N GLU A 275 8.69 -1.78 13.71
CA GLU A 275 9.71 -1.37 12.77
C GLU A 275 11.08 -1.43 13.39
N ASP A 276 11.19 -0.92 14.62
CA ASP A 276 12.45 -0.93 15.35
C ASP A 276 12.94 -2.35 15.62
N GLU A 277 12.02 -3.20 16.07
CA GLU A 277 12.33 -4.57 16.45
C GLU A 277 12.82 -5.36 15.23
N TYR A 278 12.09 -5.21 14.14
CA TYR A 278 12.35 -5.94 12.90
C TYR A 278 13.66 -5.52 12.23
N ALA A 279 13.94 -4.23 12.19
CA ALA A 279 15.22 -3.74 11.67
C ALA A 279 16.41 -4.39 12.38
N GLN A 280 16.29 -4.62 13.68
CA GLN A 280 17.34 -5.28 14.42
C GLN A 280 17.47 -6.74 13.97
N LYS A 281 16.34 -7.42 13.74
CA LYS A 281 16.38 -8.80 13.28
C LYS A 281 16.98 -8.88 11.87
N LEU A 282 16.63 -7.90 11.03
CA LEU A 282 17.17 -7.84 9.69
C LEU A 282 18.68 -7.73 9.71
N LYS A 283 19.21 -6.94 10.64
CA LYS A 283 20.64 -6.79 10.78
C LYS A 283 21.29 -8.09 11.27
N ASP A 284 20.59 -8.82 12.13
CA ASP A 284 21.10 -10.06 12.68
C ASP A 284 21.12 -11.17 11.63
N ASN A 285 20.39 -10.96 10.54
CA ASN A 285 20.41 -11.88 9.41
C ASN A 285 21.31 -11.38 8.28
N GLY A 286 22.25 -10.52 8.62
CA GLY A 286 23.23 -10.04 7.66
C GLY A 286 22.71 -9.01 6.67
N VAL A 287 21.65 -8.31 7.01
CA VAL A 287 21.23 -7.21 6.16
C VAL A 287 21.95 -5.94 6.60
N THR A 288 22.52 -5.20 5.66
CA THR A 288 23.14 -3.93 5.98
C THR A 288 22.27 -2.78 5.45
N PHE A 289 22.03 -1.78 6.30
CA PHE A 289 21.19 -0.64 5.94
C PHE A 289 22.05 0.47 5.38
N HIS A 290 21.64 1.04 4.25
CA HIS A 290 22.41 2.06 3.56
C HIS A 290 21.65 3.38 3.42
N GLU A 291 22.30 4.49 3.76
CA GLU A 291 21.70 5.82 3.59
C GLU A 291 21.85 6.31 2.16
N VAL A 292 20.97 7.21 1.77
CA VAL A 292 20.84 7.57 0.37
C VAL A 292 21.11 9.07 0.20
N ASP A 293 21.50 9.52 -0.99
CA ASP A 293 21.54 10.96 -1.30
C ASP A 293 20.10 11.37 -1.56
N ALA A 294 19.44 11.82 -0.50
CA ALA A 294 18.01 12.16 -0.56
C ALA A 294 17.74 13.23 -1.61
N GLU A 295 18.58 14.27 -1.62
CA GLU A 295 18.38 15.39 -2.51
C GLU A 295 18.37 14.95 -3.96
N ALA A 296 19.23 13.99 -4.29
CA ALA A 296 19.35 13.51 -5.66
C ALA A 296 18.10 12.76 -6.13
N PHE A 297 17.63 11.79 -5.35
CA PHE A 297 16.43 11.04 -5.67
C PHE A 297 15.21 11.95 -5.78
N ASN A 298 15.16 12.95 -4.91
CA ASN A 298 14.09 13.95 -4.96
C ASN A 298 14.00 14.65 -6.30
N LYS A 299 15.14 15.02 -6.86
CA LYS A 299 15.17 15.71 -8.14
C LYS A 299 14.91 14.69 -9.25
N ALA A 300 15.13 13.41 -8.94
CA ALA A 300 15.09 12.35 -9.94
C ALA A 300 13.67 11.88 -10.24
N VAL A 301 12.80 11.96 -9.24
CA VAL A 301 11.43 11.48 -9.41
C VAL A 301 10.43 12.57 -9.70
N ALA A 302 10.86 13.83 -9.57
CA ALA A 302 9.97 14.96 -9.81
C ALA A 302 9.22 14.93 -11.15
N PRO A 303 9.84 14.41 -12.22
CA PRO A 303 9.10 14.28 -13.48
C PRO A 303 7.94 13.29 -13.48
N VAL A 304 7.88 12.36 -12.51
CA VAL A 304 6.79 11.39 -12.44
C VAL A 304 5.42 12.10 -12.33
N TYR A 305 5.41 13.24 -11.63
CA TYR A 305 4.19 14.03 -11.46
C TYR A 305 3.69 14.68 -12.74
N ASP A 306 4.52 14.68 -13.79
CA ASP A 306 4.08 15.23 -15.07
C ASP A 306 3.79 14.10 -16.09
N LYS A 307 3.56 12.87 -15.59
CA LYS A 307 3.41 11.67 -16.44
C LYS A 307 1.99 11.08 -16.48
N PHE A 308 1.02 11.77 -15.89
CA PHE A 308 -0.36 11.27 -15.86
C PHE A 308 -1.33 12.30 -16.39
N PRO A 309 -1.80 12.10 -17.62
CA PRO A 309 -2.66 13.05 -18.32
C PRO A 309 -4.10 13.06 -17.80
N LYS A 310 -4.53 11.96 -17.18
CA LYS A 310 -5.92 11.80 -16.75
C LYS A 310 -6.19 12.34 -15.33
N TRP A 311 -5.14 12.78 -14.67
CA TRP A 311 -5.31 13.51 -13.40
C TRP A 311 -6.18 14.73 -13.66
N THR A 312 -6.97 15.12 -12.67
CA THR A 312 -7.68 16.39 -12.74
C THR A 312 -6.64 17.51 -12.63
N PRO A 313 -6.77 18.55 -13.47
CA PRO A 313 -5.80 19.66 -13.55
C PRO A 313 -5.54 20.36 -12.23
N GLY A 314 -4.26 20.51 -11.88
CA GLY A 314 -3.89 21.22 -10.66
C GLY A 314 -3.96 20.39 -9.39
N ILE A 315 -4.13 19.08 -9.54
CA ILE A 315 -4.22 18.20 -8.39
C ILE A 315 -2.96 18.22 -7.52
N TYR A 316 -1.77 18.24 -8.14
CA TYR A 316 -0.53 18.32 -7.38
C TYR A 316 -0.47 19.61 -6.57
N ASP A 317 -0.93 20.70 -7.17
CA ASP A 317 -0.87 21.99 -6.50
C ASP A 317 -1.84 22.05 -5.30
N LYS A 318 -3.00 21.40 -5.42
CA LYS A 318 -3.98 21.32 -4.34
C LYS A 318 -3.54 20.35 -3.24
N ILE A 319 -2.99 19.21 -3.63
CA ILE A 319 -2.34 18.29 -2.68
C ILE A 319 -1.27 19.03 -1.87
N MET A 320 -0.40 19.76 -2.56
CA MET A 320 0.66 20.48 -1.88
C MET A 320 0.12 21.55 -0.96
N GLU A 321 -1.05 22.10 -1.29
CA GLU A 321 -1.62 23.14 -0.47
C GLU A 321 -2.04 22.55 0.87
N ASN A 322 -2.67 21.38 0.81
CA ASN A 322 -3.08 20.67 2.01
C ASN A 322 -1.89 20.17 2.79
N LEU A 323 -0.90 19.66 2.06
CA LEU A 323 0.27 19.08 2.70
C LEU A 323 1.05 20.15 3.44
N THR A 324 1.11 21.34 2.85
CA THR A 324 1.80 22.45 3.48
C THR A 324 1.06 22.88 4.74
N GLN A 325 -0.27 22.97 4.63
CA GLN A 325 -1.12 23.28 5.77
C GLN A 325 -0.96 22.23 6.87
N ILE A 326 -1.03 20.96 6.51
CA ILE A 326 -0.85 19.84 7.43
C ILE A 326 0.48 19.91 8.20
N ARG A 327 1.53 20.32 7.50
CA ARG A 327 2.84 20.39 8.10
C ARG A 327 2.94 21.49 9.15
N GLU A 328 2.42 22.67 8.83
CA GLU A 328 2.37 23.80 9.76
C GLU A 328 1.75 23.37 11.08
N ASP A 329 0.57 22.74 11.02
CA ASP A 329 -0.13 22.30 12.21
C ASP A 329 0.67 21.32 13.07
N ILE A 330 1.38 20.41 12.40
CA ILE A 330 2.22 19.44 13.09
C ILE A 330 3.34 20.10 13.92
N LYS A 331 4.01 21.09 13.33
CA LYS A 331 5.01 21.87 14.05
C LYS A 331 4.45 22.56 15.30
N ASN A 332 3.24 23.12 15.18
CA ASN A 332 2.57 23.86 16.29
C ASN A 332 1.98 23.02 17.43
#